data_6WUR
#
_entry.id   6WUR
#
_cell.length_a   56.857
_cell.length_b   124.544
_cell.length_c   153.413
_cell.angle_alpha   90.00
_cell.angle_beta   90.00
_cell.angle_gamma   90.00
#
_symmetry.space_group_name_H-M   'I 2 2 2'
#
loop_
_entity.id
_entity.type
_entity.pdbx_description
1 polymer 'Protein tyrosine phosphatase type IVA 2'
2 polymer 'Metal transporter CNNM3'
3 non-polymer 'SODIUM ION'
4 water water
#
loop_
_entity_poly.entity_id
_entity_poly.type
_entity_poly.pdbx_seq_one_letter_code
_entity_poly.pdbx_strand_id
1 'polypeptide(L)'
;MSYYHHHHHHLESTSLYKKAGFMNRPAPVEISYENMRFLITHNPTNATLNKFTEELKKYGVTTLVRVCDATYDKAPVEKE
GIHVLDWPFDDGAPPPNQIVDDWLNLLKTKFREEPGCCVAVHDVAGLGRAPVLVALALIECGMKYEDAVQFIRQKRRGAF
NSKQLLYLEKYRPKMRLRFRDTNGHCCVQ
;
A
2 'polypeptide(L)'
;GPLNMIQGVLELRCRTVEDVLTPLEDCFMLDASTVLDFGVLASIMQSGHTRIPVYEEERSNIVDMLYLKDLAFVDPEDCT
PLSTITRFYNHPLHFVFNDTKLDAVLEEFKRGKSHLAIVQKVNNEGEGDPFYEVLGLVTLEDVIEEIIRSEILDE
;
B
#
loop_
_chem_comp.id
_chem_comp.type
_chem_comp.name
_chem_comp.formula
NA non-polymer 'SODIUM ION' 'Na 1'
#
# COMPACT_ATOMS: atom_id res chain seq x y z
N LYS A 19 13.16 -4.33 -2.41
CA LYS A 19 12.66 -3.99 -1.09
C LYS A 19 11.26 -3.37 -1.16
N ALA A 20 10.24 -4.23 -1.03
CA ALA A 20 8.84 -3.85 -1.09
C ALA A 20 8.17 -4.12 0.26
N GLY A 21 6.91 -3.69 0.39
CA GLY A 21 6.17 -3.85 1.62
C GLY A 21 5.03 -4.86 1.48
N PHE A 22 4.41 -5.17 2.62
CA PHE A 22 3.23 -6.03 2.68
C PHE A 22 2.02 -5.31 3.27
N MET A 23 2.18 -4.62 4.39
CA MET A 23 1.12 -3.82 5.00
C MET A 23 1.29 -2.34 4.74
N ASN A 24 2.27 -1.96 3.91
CA ASN A 24 2.61 -0.57 3.62
C ASN A 24 2.08 -0.09 2.28
N ARG A 25 1.28 -0.90 1.62
CA ARG A 25 0.60 -0.44 0.42
C ARG A 25 -0.58 0.45 0.81
N PRO A 26 -0.94 1.38 -0.06
CA PRO A 26 -2.09 2.25 0.22
C PRO A 26 -3.40 1.47 0.26
N ALA A 27 -4.44 2.17 0.68
CA ALA A 27 -5.73 1.55 0.91
C ALA A 27 -6.34 1.04 -0.40
N PRO A 28 -7.26 0.08 -0.32
CA PRO A 28 -7.95 -0.40 -1.52
C PRO A 28 -8.78 0.68 -2.17
N VAL A 29 -9.01 0.53 -3.48
CA VAL A 29 -9.73 1.54 -4.25
C VAL A 29 -11.02 0.94 -4.78
N GLU A 30 -12.08 1.74 -4.75
CA GLU A 30 -13.39 1.35 -5.23
C GLU A 30 -13.67 1.99 -6.57
N ILE A 31 -14.08 1.19 -7.55
CA ILE A 31 -14.36 1.67 -8.89
C ILE A 31 -15.85 1.50 -9.15
N SER A 32 -16.51 2.58 -9.55
CA SER A 32 -17.94 2.59 -9.86
C SER A 32 -18.12 2.97 -11.33
N TYR A 33 -18.87 2.16 -12.08
CA TYR A 33 -19.10 2.45 -13.48
C TYR A 33 -20.27 1.63 -14.01
N GLU A 34 -21.24 2.33 -14.61
CA GLU A 34 -22.36 1.70 -15.33
C GLU A 34 -23.06 0.63 -14.48
N ASN A 35 -23.44 1.02 -13.27
CA ASN A 35 -24.10 0.12 -12.31
C ASN A 35 -23.22 -1.10 -12.01
N MET A 36 -21.93 -0.85 -11.79
CA MET A 36 -20.98 -1.87 -11.41
C MET A 36 -20.05 -1.31 -10.33
N ARG A 37 -19.67 -2.16 -9.38
CA ARG A 37 -18.82 -1.75 -8.27
C ARG A 37 -17.74 -2.78 -8.04
N PHE A 38 -16.50 -2.41 -8.35
CA PHE A 38 -15.32 -3.22 -8.11
C PHE A 38 -14.51 -2.64 -6.96
N LEU A 39 -13.57 -3.45 -6.46
CA LEU A 39 -12.57 -2.95 -5.53
C LEU A 39 -11.26 -3.65 -5.80
N ILE A 40 -10.22 -2.87 -6.11
CA ILE A 40 -8.86 -3.39 -6.26
C ILE A 40 -8.16 -3.29 -4.91
N THR A 41 -7.61 -4.41 -4.44
CA THR A 41 -6.85 -4.39 -3.20
C THR A 41 -5.64 -5.30 -3.32
N HIS A 42 -4.89 -5.39 -2.21
CA HIS A 42 -3.56 -5.96 -2.13
C HIS A 42 -3.62 -7.31 -1.41
N ASN A 43 -2.45 -7.91 -1.20
CA ASN A 43 -2.33 -9.24 -0.59
C ASN A 43 -2.21 -9.13 0.93
N PRO A 44 -3.01 -9.89 1.69
CA PRO A 44 -2.87 -9.91 3.14
C PRO A 44 -1.91 -10.97 3.66
N THR A 45 -1.83 -11.12 4.98
CA THR A 45 -1.04 -12.16 5.63
C THR A 45 -1.80 -12.65 6.85
N ASN A 46 -1.56 -13.90 7.23
CA ASN A 46 -2.36 -14.65 8.21
C ASN A 46 -2.85 -13.83 9.40
N ALA A 47 -2.01 -12.93 9.90
CA ALA A 47 -2.40 -12.12 11.05
C ALA A 47 -3.33 -10.97 10.70
N THR A 48 -3.49 -10.64 9.42
CA THR A 48 -4.12 -9.40 8.99
C THR A 48 -5.58 -9.52 8.60
N LEU A 49 -6.02 -10.71 8.16
CA LEU A 49 -7.27 -10.82 7.41
C LEU A 49 -8.49 -10.37 8.20
N ASN A 50 -8.42 -10.28 9.52
CA ASN A 50 -9.53 -9.70 10.27
C ASN A 50 -9.84 -8.30 9.76
N LYS A 51 -8.81 -7.45 9.67
CA LYS A 51 -9.00 -6.08 9.22
C LYS A 51 -9.28 -6.01 7.73
N PHE A 52 -8.61 -6.87 6.95
CA PHE A 52 -8.84 -6.89 5.50
C PHE A 52 -10.30 -7.22 5.19
N THR A 53 -10.78 -8.40 5.63
CA THR A 53 -12.19 -8.70 5.40
C THR A 53 -13.10 -7.72 6.11
N GLU A 54 -12.61 -7.04 7.15
CA GLU A 54 -13.39 -5.93 7.69
C GLU A 54 -13.59 -4.86 6.62
N GLU A 55 -12.54 -4.53 5.88
CA GLU A 55 -12.66 -3.61 4.77
C GLU A 55 -13.56 -4.18 3.68
N LEU A 56 -13.45 -5.49 3.42
CA LEU A 56 -14.31 -6.14 2.44
C LEU A 56 -15.78 -5.91 2.77
N LYS A 57 -16.18 -6.26 3.99
CA LYS A 57 -17.57 -6.05 4.41
C LYS A 57 -17.90 -4.57 4.45
N LYS A 58 -16.90 -3.71 4.65
CA LYS A 58 -17.16 -2.27 4.62
C LYS A 58 -17.58 -1.82 3.23
N TYR A 59 -16.85 -2.27 2.20
CA TYR A 59 -17.18 -1.89 0.82
C TYR A 59 -18.34 -2.69 0.24
N GLY A 60 -18.86 -3.68 0.97
CA GLY A 60 -19.98 -4.46 0.48
C GLY A 60 -19.63 -5.48 -0.57
N VAL A 61 -18.41 -6.02 -0.53
CA VAL A 61 -17.98 -7.03 -1.50
C VAL A 61 -18.59 -8.37 -1.13
N THR A 62 -19.19 -9.03 -2.11
CA THR A 62 -19.69 -10.39 -1.93
C THR A 62 -18.81 -11.44 -2.56
N THR A 63 -17.83 -11.04 -3.37
CA THR A 63 -17.04 -11.97 -4.17
C THR A 63 -15.61 -11.43 -4.31
N LEU A 64 -14.65 -12.25 -3.91
CA LEU A 64 -13.23 -11.87 -3.95
C LEU A 64 -12.48 -12.79 -4.92
N VAL A 65 -11.68 -12.21 -5.79
CA VAL A 65 -10.91 -12.98 -6.77
C VAL A 65 -9.43 -12.77 -6.45
N ARG A 66 -8.79 -13.83 -5.96
CA ARG A 66 -7.36 -13.81 -5.67
C ARG A 66 -6.60 -14.17 -6.94
N VAL A 67 -5.73 -13.29 -7.40
CA VAL A 67 -4.97 -13.51 -8.62
C VAL A 67 -3.50 -13.82 -8.35
N CYS A 68 -2.95 -13.41 -7.22
CA CYS A 68 -1.59 -13.79 -6.85
C CYS A 68 -1.58 -15.19 -6.25
N ASP A 69 -0.40 -15.64 -5.86
CA ASP A 69 -0.27 -16.95 -5.21
C ASP A 69 -0.97 -16.93 -3.85
N ALA A 70 -1.22 -18.13 -3.34
CA ALA A 70 -1.87 -18.29 -2.05
C ALA A 70 -0.85 -18.02 -0.94
N THR A 71 -1.02 -16.91 -0.23
CA THR A 71 -0.23 -16.58 0.95
C THR A 71 -1.11 -16.38 2.18
N TYR A 72 -2.41 -16.63 2.06
CA TYR A 72 -3.34 -16.52 3.17
C TYR A 72 -4.30 -17.70 3.10
N ASP A 73 -4.97 -17.96 4.22
CA ASP A 73 -5.96 -19.03 4.29
C ASP A 73 -7.31 -18.49 3.85
N LYS A 74 -7.92 -19.15 2.86
CA LYS A 74 -9.24 -18.74 2.40
C LYS A 74 -10.35 -19.12 3.39
N ALA A 75 -10.03 -19.92 4.40
CA ALA A 75 -11.06 -20.35 5.36
C ALA A 75 -11.74 -19.19 6.06
N PRO A 76 -11.04 -18.20 6.62
CA PRO A 76 -11.75 -17.09 7.28
C PRO A 76 -12.60 -16.29 6.30
N VAL A 77 -11.99 -15.83 5.20
CA VAL A 77 -12.70 -14.95 4.28
C VAL A 77 -13.93 -15.65 3.71
N GLU A 78 -13.86 -16.95 3.49
CA GLU A 78 -15.06 -17.68 3.09
C GLU A 78 -16.01 -17.91 4.25
N LYS A 79 -15.50 -17.91 5.49
CA LYS A 79 -16.38 -18.03 6.65
C LYS A 79 -17.21 -16.78 6.86
N GLU A 80 -16.64 -15.60 6.52
CA GLU A 80 -17.40 -14.37 6.61
C GLU A 80 -18.51 -14.29 5.58
N GLY A 81 -18.47 -15.13 4.54
CA GLY A 81 -19.49 -15.14 3.52
C GLY A 81 -19.06 -14.43 2.24
N ILE A 82 -17.80 -14.63 1.85
CA ILE A 82 -17.25 -14.03 0.63
C ILE A 82 -16.79 -15.17 -0.27
N HIS A 83 -17.37 -15.25 -1.47
CA HIS A 83 -16.92 -16.21 -2.47
C HIS A 83 -15.53 -15.82 -2.95
N VAL A 84 -14.54 -16.68 -2.70
CA VAL A 84 -13.17 -16.42 -3.12
C VAL A 84 -12.82 -17.40 -4.24
N LEU A 85 -12.11 -16.90 -5.24
CA LEU A 85 -11.80 -17.67 -6.45
C LEU A 85 -10.32 -17.54 -6.75
N ASP A 86 -9.59 -18.63 -6.55
CA ASP A 86 -8.15 -18.66 -6.80
C ASP A 86 -7.92 -18.78 -8.28
N TRP A 87 -7.68 -17.65 -8.95
CA TRP A 87 -7.37 -17.61 -10.38
C TRP A 87 -6.00 -16.96 -10.53
N PRO A 88 -4.93 -17.71 -10.31
CA PRO A 88 -3.59 -17.15 -10.50
C PRO A 88 -3.06 -17.35 -11.90
N PHE A 89 -2.19 -16.42 -12.31
CA PHE A 89 -1.37 -16.60 -13.50
C PHE A 89 -0.06 -15.86 -13.29
N ASP A 90 0.88 -16.09 -14.20
CA ASP A 90 2.25 -15.64 -14.03
C ASP A 90 2.29 -14.11 -13.89
N ASP A 91 3.32 -13.65 -13.20
CA ASP A 91 3.48 -12.22 -12.90
C ASP A 91 3.87 -11.43 -14.15
N GLY A 92 3.46 -10.16 -14.17
CA GLY A 92 3.72 -9.26 -15.26
C GLY A 92 3.00 -9.57 -16.55
N ALA A 93 2.20 -10.63 -16.59
CA ALA A 93 1.62 -11.12 -17.82
C ALA A 93 0.13 -10.80 -17.92
N PRO A 94 -0.42 -10.75 -19.12
CA PRO A 94 -1.88 -10.61 -19.27
C PRO A 94 -2.59 -11.89 -18.89
N PRO A 95 -3.84 -11.80 -18.47
CA PRO A 95 -4.59 -12.99 -18.08
C PRO A 95 -4.84 -13.89 -19.29
N PRO A 96 -4.83 -15.21 -19.09
CA PRO A 96 -5.20 -16.11 -20.18
C PRO A 96 -6.66 -15.93 -20.56
N ASN A 97 -7.01 -16.45 -21.73
CA ASN A 97 -8.38 -16.30 -22.21
C ASN A 97 -9.37 -17.08 -21.35
N GLN A 98 -8.97 -18.24 -20.82
CA GLN A 98 -9.84 -18.91 -19.87
C GLN A 98 -10.20 -17.97 -18.72
N ILE A 99 -9.19 -17.29 -18.17
CA ILE A 99 -9.44 -16.52 -16.96
C ILE A 99 -10.27 -15.27 -17.25
N VAL A 100 -10.14 -14.68 -18.45
CA VAL A 100 -10.98 -13.52 -18.73
C VAL A 100 -12.41 -13.99 -19.01
N ASP A 101 -12.57 -15.17 -19.62
CA ASP A 101 -13.90 -15.76 -19.70
C ASP A 101 -14.51 -15.80 -18.30
N ASP A 102 -13.94 -16.65 -17.42
CA ASP A 102 -14.39 -16.75 -16.02
C ASP A 102 -14.73 -15.40 -15.42
N TRP A 103 -13.83 -14.44 -15.57
CA TRP A 103 -14.10 -13.09 -15.09
C TRP A 103 -15.44 -12.59 -15.60
N LEU A 104 -15.55 -12.38 -16.92
CA LEU A 104 -16.76 -11.77 -17.47
C LEU A 104 -18.02 -12.52 -17.05
N ASN A 105 -18.01 -13.85 -17.16
CA ASN A 105 -19.20 -14.59 -16.74
C ASN A 105 -19.46 -14.44 -15.25
N LEU A 106 -18.42 -14.57 -14.42
CA LEU A 106 -18.55 -14.37 -12.98
C LEU A 106 -19.26 -13.07 -12.69
N LEU A 107 -18.80 -11.98 -13.28
CA LEU A 107 -19.44 -10.70 -13.03
C LEU A 107 -20.86 -10.67 -13.57
N LYS A 108 -21.15 -11.40 -14.64
CA LYS A 108 -22.55 -11.51 -15.06
C LYS A 108 -23.40 -12.15 -13.96
N THR A 109 -22.92 -13.24 -13.35
CA THR A 109 -23.72 -13.91 -12.34
C THR A 109 -23.84 -13.09 -11.06
N LYS A 110 -22.71 -12.68 -10.50
CA LYS A 110 -22.74 -11.95 -9.22
C LYS A 110 -23.33 -10.57 -9.36
N PHE A 111 -23.28 -9.99 -10.56
CA PHE A 111 -23.97 -8.73 -10.84
C PHE A 111 -25.44 -8.95 -11.15
N ARG A 112 -25.82 -10.17 -11.53
CA ARG A 112 -27.23 -10.50 -11.69
C ARG A 112 -27.88 -10.88 -10.37
N GLU A 113 -27.10 -11.31 -9.38
CA GLU A 113 -27.66 -11.73 -8.09
C GLU A 113 -27.99 -10.54 -7.21
N GLU A 114 -27.21 -9.48 -7.31
CA GLU A 114 -27.43 -8.27 -6.51
C GLU A 114 -26.79 -7.10 -7.25
N PRO A 115 -27.58 -6.35 -8.02
CA PRO A 115 -27.04 -5.16 -8.69
C PRO A 115 -26.59 -4.12 -7.68
N GLY A 116 -25.33 -3.70 -7.80
CA GLY A 116 -24.72 -2.84 -6.82
C GLY A 116 -23.77 -3.54 -5.89
N CYS A 117 -23.70 -4.86 -5.95
CA CYS A 117 -22.72 -5.60 -5.15
C CYS A 117 -21.31 -5.27 -5.63
N CYS A 118 -20.40 -5.10 -4.67
CA CYS A 118 -19.00 -4.91 -5.01
C CYS A 118 -18.32 -6.26 -5.13
N VAL A 119 -17.63 -6.47 -6.24
CA VAL A 119 -16.72 -7.58 -6.41
C VAL A 119 -15.30 -7.04 -6.27
N ALA A 120 -14.50 -7.74 -5.46
CA ALA A 120 -13.14 -7.32 -5.18
C ALA A 120 -12.16 -8.29 -5.82
N VAL A 121 -10.99 -7.77 -6.19
CA VAL A 121 -9.93 -8.57 -6.77
C VAL A 121 -8.59 -8.04 -6.25
N HIS A 122 -7.65 -8.96 -6.02
CA HIS A 122 -6.37 -8.58 -5.42
C HIS A 122 -5.25 -9.41 -6.01
N ASP A 123 -4.13 -8.74 -6.24
CA ASP A 123 -2.83 -9.34 -6.51
C ASP A 123 -1.90 -8.91 -5.37
N VAL A 124 -0.59 -9.11 -5.56
CA VAL A 124 0.37 -8.71 -4.52
C VAL A 124 0.04 -7.32 -4.01
N ALA A 125 0.03 -6.34 -4.90
CA ALA A 125 -0.46 -5.00 -4.62
C ALA A 125 -1.21 -4.54 -5.85
N GLY A 126 -2.27 -3.75 -5.65
CA GLY A 126 -3.24 -3.58 -6.71
C GLY A 126 -2.75 -2.77 -7.89
N LEU A 127 -1.57 -3.12 -8.37
CA LEU A 127 -0.94 -2.52 -9.54
C LEU A 127 -0.48 -3.61 -10.50
N GLY A 128 -1.28 -4.65 -10.64
CA GLY A 128 -0.89 -5.75 -11.47
C GLY A 128 -2.02 -6.33 -12.28
N ARG A 129 -2.21 -7.65 -12.14
CA ARG A 129 -3.24 -8.33 -12.90
C ARG A 129 -4.65 -7.95 -12.44
N ALA A 130 -4.81 -7.68 -11.14
CA ALA A 130 -6.13 -7.33 -10.63
C ALA A 130 -6.68 -6.07 -11.30
N PRO A 131 -5.99 -4.93 -11.27
CA PRO A 131 -6.52 -3.77 -11.98
C PRO A 131 -6.57 -3.97 -13.48
N VAL A 132 -5.83 -4.93 -14.03
CA VAL A 132 -6.00 -5.29 -15.45
C VAL A 132 -7.37 -5.89 -15.67
N LEU A 133 -7.73 -6.89 -14.86
CA LEU A 133 -9.04 -7.53 -15.02
C LEU A 133 -10.17 -6.52 -14.84
N VAL A 134 -10.07 -5.66 -13.81
CA VAL A 134 -11.12 -4.63 -13.70
C VAL A 134 -11.06 -3.68 -14.89
N ALA A 135 -9.88 -3.52 -15.51
CA ALA A 135 -9.81 -2.66 -16.68
C ALA A 135 -10.55 -3.28 -17.87
N LEU A 136 -10.35 -4.57 -18.14
CA LEU A 136 -11.13 -5.25 -19.16
C LEU A 136 -12.62 -5.17 -18.85
N ALA A 137 -12.98 -5.39 -17.59
CA ALA A 137 -14.38 -5.24 -17.20
C ALA A 137 -14.88 -3.83 -17.48
N LEU A 138 -14.00 -2.84 -17.41
CA LEU A 138 -14.41 -1.47 -17.70
C LEU A 138 -14.56 -1.24 -19.21
N ILE A 139 -13.69 -1.82 -20.03
CA ILE A 139 -13.78 -1.60 -21.46
C ILE A 139 -14.99 -2.34 -22.03
N GLU A 140 -15.41 -3.44 -21.39
CA GLU A 140 -16.57 -4.15 -21.89
C GLU A 140 -17.89 -3.52 -21.46
N CYS A 141 -17.88 -2.62 -20.48
CA CYS A 141 -19.10 -1.93 -20.05
C CYS A 141 -19.36 -0.65 -20.80
N GLY A 142 -18.50 -0.29 -21.77
CA GLY A 142 -18.74 0.85 -22.64
C GLY A 142 -17.75 1.99 -22.51
N MET A 143 -16.73 1.89 -21.65
CA MET A 143 -15.80 2.98 -21.42
C MET A 143 -14.53 2.78 -22.26
N LYS A 144 -13.96 3.88 -22.73
CA LYS A 144 -12.81 3.87 -23.63
C LYS A 144 -11.58 3.31 -22.92
N TYR A 145 -10.57 2.94 -23.71
CA TYR A 145 -9.35 2.38 -23.15
C TYR A 145 -8.58 3.40 -22.35
N GLU A 146 -8.29 4.55 -22.95
CA GLU A 146 -7.56 5.61 -22.25
C GLU A 146 -8.29 6.07 -21.00
N ASP A 147 -9.61 6.27 -21.11
CA ASP A 147 -10.38 6.66 -19.93
C ASP A 147 -10.35 5.57 -18.86
N ALA A 148 -10.29 4.31 -19.27
CA ALA A 148 -10.25 3.22 -18.30
C ALA A 148 -8.93 3.22 -17.53
N VAL A 149 -7.81 3.15 -18.26
CA VAL A 149 -6.51 3.06 -17.60
C VAL A 149 -6.25 4.32 -16.79
N GLN A 150 -6.56 5.49 -17.35
CA GLN A 150 -6.39 6.74 -16.61
C GLN A 150 -7.30 6.79 -15.39
N PHE A 151 -8.50 6.20 -15.48
CA PHE A 151 -9.37 6.10 -14.31
C PHE A 151 -8.70 5.27 -13.21
N ILE A 152 -8.24 4.08 -13.57
CA ILE A 152 -7.71 3.16 -12.58
C ILE A 152 -6.44 3.71 -11.93
N ARG A 153 -5.45 4.12 -12.74
CA ARG A 153 -4.24 4.64 -12.12
C ARG A 153 -4.39 6.06 -11.62
N GLN A 154 -5.48 6.75 -11.97
CA GLN A 154 -5.83 7.96 -11.24
C GLN A 154 -6.34 7.61 -9.84
N LYS A 155 -6.95 6.42 -9.70
CA LYS A 155 -7.40 5.98 -8.39
C LYS A 155 -6.24 5.52 -7.52
N ARG A 156 -5.30 4.77 -8.08
CA ARG A 156 -4.05 4.45 -7.39
C ARG A 156 -2.92 4.47 -8.41
N ARG A 157 -1.91 5.30 -8.17
CA ARG A 157 -0.96 5.65 -9.21
C ARG A 157 -0.06 4.47 -9.58
N GLY A 158 0.29 4.41 -10.87
CA GLY A 158 1.28 3.48 -11.36
C GLY A 158 0.74 2.09 -11.66
N ALA A 159 -0.40 2.03 -12.35
CA ALA A 159 -1.17 0.80 -12.43
C ALA A 159 -0.42 -0.35 -13.09
N PHE A 160 -0.16 -0.27 -14.40
CA PHE A 160 0.26 -1.44 -15.15
C PHE A 160 1.57 -1.21 -15.88
N ASN A 161 2.22 -2.32 -16.23
CA ASN A 161 3.46 -2.28 -16.98
C ASN A 161 3.18 -2.11 -18.48
N SER A 162 4.25 -2.14 -19.27
CA SER A 162 4.09 -1.96 -20.72
C SER A 162 3.33 -3.13 -21.34
N LYS A 163 3.64 -4.35 -20.93
CA LYS A 163 2.94 -5.52 -21.48
C LYS A 163 1.45 -5.44 -21.22
N GLN A 164 1.06 -5.17 -19.97
CA GLN A 164 -0.35 -5.12 -19.62
C GLN A 164 -1.07 -3.98 -20.33
N LEU A 165 -0.38 -2.88 -20.62
CA LEU A 165 -1.01 -1.76 -21.31
C LEU A 165 -1.16 -2.03 -22.80
N LEU A 166 -0.16 -2.66 -23.42
CA LEU A 166 -0.28 -3.03 -24.82
C LEU A 166 -1.37 -4.07 -25.02
N TYR A 167 -1.40 -5.09 -24.17
CA TYR A 167 -2.52 -6.04 -24.18
C TYR A 167 -3.84 -5.31 -23.98
N LEU A 168 -3.87 -4.34 -23.05
CA LEU A 168 -5.10 -3.60 -22.78
C LEU A 168 -5.56 -2.80 -23.99
N GLU A 169 -4.63 -2.35 -24.83
CA GLU A 169 -5.03 -1.60 -26.02
C GLU A 169 -5.47 -2.54 -27.14
N LYS A 170 -4.76 -3.65 -27.33
CA LYS A 170 -4.96 -4.49 -28.52
C LYS A 170 -6.14 -5.45 -28.40
N TYR A 171 -6.96 -5.37 -27.36
CA TYR A 171 -8.06 -6.30 -27.14
C TYR A 171 -9.40 -5.59 -27.31
N ARG A 172 -10.37 -6.28 -27.97
CA ARG A 172 -11.63 -5.66 -28.39
C ARG A 172 -12.83 -6.22 -27.61
N PRO A 173 -13.78 -5.35 -27.19
CA PRO A 173 -14.94 -5.81 -26.40
C PRO A 173 -16.20 -6.10 -27.20
N LYS A 174 -16.95 -7.14 -26.81
CA LYS A 174 -18.33 -7.32 -27.30
C LYS A 174 -19.33 -7.78 -26.25
N MET A 175 -18.91 -8.27 -25.09
CA MET A 175 -19.76 -9.10 -24.23
C MET A 175 -20.27 -8.30 -23.02
N ARG A 176 -21.37 -7.57 -23.24
CA ARG A 176 -22.09 -6.75 -22.23
C ARG A 176 -21.64 -6.92 -20.79
N GLY B 1 21.89 34.29 5.67
CA GLY B 1 21.05 34.42 6.85
C GLY B 1 19.58 34.25 6.50
N PRO B 2 18.75 35.22 6.91
CA PRO B 2 17.32 35.14 6.56
C PRO B 2 17.09 34.99 5.07
N LEU B 3 17.92 35.62 4.24
CA LEU B 3 17.81 35.43 2.80
C LEU B 3 18.00 33.96 2.42
N ASN B 4 19.09 33.34 2.89
CA ASN B 4 19.37 31.95 2.56
C ASN B 4 18.18 31.06 2.90
N MET B 5 17.54 31.30 4.04
CA MET B 5 16.37 30.50 4.36
C MET B 5 15.15 30.91 3.56
N ILE B 6 15.10 32.13 3.03
CA ILE B 6 14.02 32.48 2.10
C ILE B 6 14.16 31.65 0.83
N GLN B 7 15.36 31.61 0.25
CA GLN B 7 15.59 30.70 -0.88
C GLN B 7 15.37 29.24 -0.47
N GLY B 8 15.55 28.92 0.81
CA GLY B 8 15.22 27.59 1.29
C GLY B 8 13.74 27.29 1.15
N VAL B 9 12.89 28.12 1.77
CA VAL B 9 11.46 27.86 1.72
C VAL B 9 10.95 27.93 0.29
N LEU B 10 11.57 28.77 -0.54
CA LEU B 10 11.15 28.85 -1.94
C LEU B 10 11.60 27.64 -2.73
N GLU B 11 12.71 27.01 -2.34
CA GLU B 11 13.16 25.79 -2.99
C GLU B 11 12.43 24.56 -2.51
N LEU B 12 11.71 24.65 -1.39
CA LEU B 12 10.80 23.57 -1.01
C LEU B 12 9.85 23.20 -2.14
N ARG B 13 9.41 24.19 -2.91
CA ARG B 13 8.41 23.96 -3.96
C ARG B 13 8.95 23.13 -5.12
N CYS B 14 10.26 22.91 -5.21
CA CYS B 14 10.85 22.13 -6.28
C CYS B 14 11.40 20.79 -5.81
N ARG B 15 12.13 20.78 -4.70
CA ARG B 15 12.85 19.58 -4.31
C ARG B 15 11.90 18.50 -3.82
N THR B 16 12.13 17.27 -4.28
CA THR B 16 11.29 16.15 -3.92
C THR B 16 11.74 15.55 -2.59
N VAL B 17 10.89 14.67 -2.05
CA VAL B 17 11.25 13.92 -0.86
C VAL B 17 12.48 13.07 -1.11
N GLU B 18 12.65 12.59 -2.34
CA GLU B 18 13.79 11.75 -2.70
C GLU B 18 15.13 12.47 -2.61
N ASP B 19 15.14 13.81 -2.58
CA ASP B 19 16.39 14.55 -2.42
C ASP B 19 16.81 14.66 -0.96
N VAL B 20 15.88 14.44 -0.04
CA VAL B 20 16.09 14.72 1.37
C VAL B 20 15.97 13.46 2.24
N LEU B 21 15.42 12.38 1.70
CA LEU B 21 15.26 11.12 2.41
C LEU B 21 16.61 10.62 2.96
N THR B 22 16.52 9.61 3.82
CA THR B 22 17.65 8.80 4.22
C THR B 22 17.35 7.34 3.89
N PRO B 23 18.22 6.66 3.14
CA PRO B 23 17.89 5.28 2.72
C PRO B 23 17.67 4.36 3.90
N LEU B 24 16.90 3.29 3.63
CA LEU B 24 16.54 2.34 4.69
C LEU B 24 17.76 1.82 5.42
N GLU B 25 18.85 1.56 4.68
CA GLU B 25 20.03 0.96 5.27
C GLU B 25 20.54 1.77 6.46
N ASP B 26 20.41 3.10 6.41
CA ASP B 26 20.96 3.97 7.44
C ASP B 26 19.95 4.35 8.52
N CYS B 27 18.69 3.94 8.38
CA CYS B 27 17.68 4.32 9.35
C CYS B 27 17.75 3.44 10.59
N PHE B 28 17.48 4.04 11.75
CA PHE B 28 17.39 3.29 12.99
C PHE B 28 16.02 2.65 13.06
N MET B 29 15.97 1.32 13.05
CA MET B 29 14.73 0.55 13.01
C MET B 29 14.79 -0.59 14.01
N LEU B 30 13.61 -1.05 14.40
CA LEU B 30 13.47 -2.11 15.39
C LEU B 30 12.77 -3.31 14.76
N ASP B 31 13.33 -4.50 14.96
CA ASP B 31 12.64 -5.71 14.57
C ASP B 31 11.49 -5.96 15.53
N ALA B 32 10.35 -6.40 14.98
CA ALA B 32 9.20 -6.72 15.82
C ALA B 32 9.47 -7.89 16.76
N SER B 33 10.55 -8.64 16.55
CA SER B 33 10.89 -9.78 17.38
C SER B 33 11.87 -9.44 18.50
N THR B 34 12.29 -8.17 18.59
CA THR B 34 13.21 -7.80 19.66
C THR B 34 12.46 -7.71 20.99
N VAL B 35 13.21 -7.89 22.07
CA VAL B 35 12.68 -7.88 23.43
C VAL B 35 13.31 -6.71 24.16
N LEU B 36 12.48 -5.90 24.82
CA LEU B 36 12.93 -4.66 25.44
C LEU B 36 13.75 -4.98 26.70
N ASP B 37 15.03 -5.25 26.49
CA ASP B 37 15.99 -5.44 27.58
C ASP B 37 16.68 -4.11 27.90
N PHE B 38 17.62 -4.13 28.83
CA PHE B 38 18.38 -2.93 29.14
C PHE B 38 19.12 -2.42 27.92
N GLY B 39 19.72 -3.32 27.14
CA GLY B 39 20.50 -2.93 25.99
C GLY B 39 19.72 -2.20 24.92
N VAL B 40 18.66 -2.85 24.41
CA VAL B 40 17.89 -2.21 23.35
C VAL B 40 17.18 -0.97 23.86
N LEU B 41 16.62 -1.03 25.07
CA LEU B 41 15.96 0.16 25.61
C LEU B 41 16.95 1.32 25.70
N ALA B 42 18.18 1.03 26.13
CA ALA B 42 19.21 2.05 26.17
C ALA B 42 19.53 2.58 24.77
N SER B 43 19.56 1.69 23.77
CA SER B 43 19.77 2.16 22.40
C SER B 43 18.67 3.11 21.97
N ILE B 44 17.41 2.80 22.29
CA ILE B 44 16.31 3.72 21.98
C ILE B 44 16.51 5.04 22.68
N MET B 45 16.98 5.00 23.94
CA MET B 45 17.27 6.22 24.67
C MET B 45 18.28 7.07 23.92
N GLN B 46 19.47 6.53 23.69
CA GLN B 46 20.55 7.26 23.05
C GLN B 46 20.44 7.29 21.53
N SER B 47 19.26 7.01 20.98
CA SER B 47 19.06 7.05 19.54
C SER B 47 18.85 8.45 19.00
N GLY B 48 18.39 9.39 19.84
CA GLY B 48 18.03 10.70 19.36
C GLY B 48 16.75 10.76 18.56
N HIS B 49 15.97 9.67 18.56
CA HIS B 49 14.70 9.60 17.85
C HIS B 49 13.59 9.30 18.84
N THR B 50 12.44 9.96 18.67
CA THR B 50 11.28 9.70 19.50
C THR B 50 10.25 8.81 18.84
N ARG B 51 10.31 8.67 17.52
CA ARG B 51 9.42 7.78 16.77
C ARG B 51 10.29 6.87 15.93
N ILE B 52 10.21 5.57 16.19
CA ILE B 52 11.13 4.59 15.61
C ILE B 52 10.30 3.54 14.88
N PRO B 53 10.63 3.23 13.62
CA PRO B 53 9.87 2.21 12.90
C PRO B 53 10.13 0.80 13.42
N VAL B 54 9.08 -0.03 13.35
CA VAL B 54 9.14 -1.43 13.75
C VAL B 54 8.77 -2.28 12.53
N TYR B 55 9.75 -3.02 12.01
CA TYR B 55 9.63 -3.87 10.84
C TYR B 55 9.49 -5.34 11.25
N GLU B 56 9.07 -6.16 10.27
CA GLU B 56 8.85 -7.59 10.48
C GLU B 56 9.61 -8.36 9.41
N GLU B 57 10.69 -9.05 9.82
CA GLU B 57 11.46 -10.00 9.02
C GLU B 57 12.21 -9.34 7.87
N GLU B 58 12.02 -8.04 7.62
CA GLU B 58 12.70 -7.34 6.55
C GLU B 58 12.56 -5.84 6.76
N ARG B 59 13.68 -5.11 6.66
CA ARG B 59 13.66 -3.67 6.87
C ARG B 59 12.62 -2.98 5.99
N SER B 60 12.32 -3.58 4.84
CA SER B 60 11.36 -2.98 3.91
C SER B 60 9.93 -3.09 4.40
N ASN B 61 9.61 -4.15 5.16
CA ASN B 61 8.23 -4.42 5.58
C ASN B 61 8.00 -3.77 6.94
N ILE B 62 7.73 -2.46 6.93
CA ILE B 62 7.57 -1.70 8.16
C ILE B 62 6.15 -1.88 8.68
N VAL B 63 6.01 -2.57 9.80
CA VAL B 63 4.70 -2.95 10.30
C VAL B 63 4.05 -1.84 11.13
N ASP B 64 4.76 -1.34 12.15
CA ASP B 64 4.16 -0.34 13.03
C ASP B 64 5.23 0.69 13.39
N MET B 65 4.89 1.60 14.31
CA MET B 65 5.87 2.58 14.75
C MET B 65 5.77 2.81 16.25
N LEU B 66 6.93 2.81 16.90
CA LEU B 66 7.06 2.88 18.34
C LEU B 66 7.42 4.30 18.75
N TYR B 67 6.54 4.93 19.53
CA TYR B 67 6.79 6.24 20.11
C TYR B 67 7.48 6.09 21.46
N LEU B 68 8.25 7.12 21.82
CA LEU B 68 8.99 7.08 23.07
C LEU B 68 8.08 6.95 24.28
N LYS B 69 6.88 7.51 24.21
CA LYS B 69 5.94 7.43 25.33
C LYS B 69 5.40 6.01 25.53
N ASP B 70 5.51 5.15 24.51
CA ASP B 70 5.03 3.78 24.66
C ASP B 70 5.83 3.02 25.72
N LEU B 71 7.05 3.45 26.02
CA LEU B 71 7.94 2.79 26.95
C LEU B 71 7.73 3.27 28.38
N ALA B 72 6.58 3.87 28.68
CA ALA B 72 6.42 4.62 29.92
C ALA B 72 6.74 3.77 31.14
N PHE B 73 5.97 2.71 31.37
CA PHE B 73 6.16 1.87 32.55
C PHE B 73 6.70 0.49 32.19
N VAL B 74 7.40 0.38 31.08
CA VAL B 74 8.01 -0.89 30.68
C VAL B 74 9.27 -1.11 31.51
N ASP B 75 9.40 -2.31 32.06
CA ASP B 75 10.56 -2.70 32.84
C ASP B 75 11.27 -3.85 32.13
N PRO B 76 12.59 -3.78 31.93
CA PRO B 76 13.31 -4.89 31.29
C PRO B 76 13.39 -6.13 32.16
N GLU B 77 13.05 -6.04 33.45
CA GLU B 77 13.05 -7.21 34.32
C GLU B 77 12.17 -8.31 33.74
N ASP B 78 10.95 -7.96 33.36
CA ASP B 78 10.15 -8.84 32.50
C ASP B 78 10.68 -8.68 31.08
N CYS B 79 11.15 -9.77 30.49
CA CYS B 79 11.64 -9.71 29.12
C CYS B 79 10.44 -9.49 28.21
N THR B 80 10.14 -8.21 27.92
CA THR B 80 8.93 -7.86 27.21
C THR B 80 9.26 -7.61 25.75
N PRO B 81 8.70 -8.37 24.81
CA PRO B 81 8.91 -8.06 23.40
C PRO B 81 8.17 -6.80 23.02
N LEU B 82 8.78 -6.01 22.14
CA LEU B 82 8.18 -4.74 21.75
C LEU B 82 6.92 -4.93 20.91
N SER B 83 6.70 -6.11 20.35
CA SER B 83 5.49 -6.33 19.56
C SER B 83 4.24 -6.23 20.44
N THR B 84 4.34 -6.68 21.70
CA THR B 84 3.26 -6.49 22.64
C THR B 84 2.91 -5.01 22.78
N ILE B 85 3.93 -4.17 22.99
CA ILE B 85 3.72 -2.73 23.07
C ILE B 85 3.16 -2.20 21.75
N THR B 86 3.55 -2.81 20.64
CA THR B 86 3.03 -2.41 19.34
C THR B 86 1.52 -2.61 19.27
N ARG B 87 1.03 -3.69 19.83
CA ARG B 87 -0.42 -3.89 19.89
C ARG B 87 -1.06 -3.24 21.12
N PHE B 88 -0.28 -2.62 21.99
CA PHE B 88 -0.84 -1.79 23.06
C PHE B 88 -1.38 -0.48 22.51
N TYR B 89 -0.51 0.34 21.93
CA TYR B 89 -0.89 1.60 21.32
C TYR B 89 -0.91 1.47 19.80
N ASN B 90 -1.64 2.37 19.14
CA ASN B 90 -1.81 2.32 17.69
C ASN B 90 -1.57 3.71 17.13
N HIS B 91 -0.31 4.00 16.79
CA HIS B 91 0.11 5.19 16.09
C HIS B 91 0.06 4.94 14.59
N PRO B 92 -0.66 5.77 13.83
CA PRO B 92 -0.84 5.48 12.41
C PRO B 92 0.41 5.82 11.61
N LEU B 93 0.69 4.98 10.61
CA LEU B 93 1.83 5.19 9.73
C LEU B 93 1.49 6.20 8.65
N HIS B 94 2.45 7.06 8.31
CA HIS B 94 2.28 8.11 7.32
C HIS B 94 3.17 7.79 6.12
N PHE B 95 2.55 7.61 4.96
CA PHE B 95 3.28 7.25 3.74
C PHE B 95 3.27 8.41 2.74
N VAL B 96 4.34 8.45 1.95
CA VAL B 96 4.60 9.57 1.04
C VAL B 96 5.37 9.03 -0.16
N PHE B 97 4.96 9.45 -1.35
CA PHE B 97 5.65 9.06 -2.56
C PHE B 97 6.92 9.89 -2.74
N ASN B 98 7.90 9.30 -3.42
CA ASN B 98 9.24 9.88 -3.48
C ASN B 98 9.23 11.28 -4.06
N ASP B 99 8.48 11.50 -5.13
CA ASP B 99 8.52 12.77 -5.84
C ASP B 99 7.57 13.81 -5.27
N THR B 100 7.18 13.67 -4.00
CA THR B 100 6.33 14.69 -3.39
C THR B 100 7.17 15.92 -3.09
N LYS B 101 6.63 17.09 -3.44
CA LYS B 101 7.33 18.32 -3.13
C LYS B 101 7.42 18.50 -1.61
N LEU B 102 8.49 19.17 -1.16
CA LEU B 102 8.75 19.27 0.27
C LEU B 102 7.73 20.18 0.95
N ASP B 103 7.34 21.28 0.30
CA ASP B 103 6.30 22.10 0.88
C ASP B 103 5.06 21.27 1.19
N ALA B 104 4.69 20.35 0.28
CA ALA B 104 3.44 19.59 0.46
C ALA B 104 3.48 18.72 1.71
N VAL B 105 4.41 17.77 1.76
CA VAL B 105 4.52 16.88 2.92
C VAL B 105 4.87 17.65 4.17
N LEU B 106 5.44 18.84 4.02
CA LEU B 106 5.53 19.74 5.15
C LEU B 106 4.13 20.08 5.67
N GLU B 107 3.26 20.59 4.78
CA GLU B 107 1.89 20.89 5.22
C GLU B 107 1.18 19.66 5.74
N GLU B 108 1.51 18.48 5.21
CA GLU B 108 0.97 17.24 5.76
C GLU B 108 1.44 17.05 7.20
N PHE B 109 2.73 17.24 7.46
CA PHE B 109 3.24 17.17 8.83
C PHE B 109 2.48 18.11 9.74
N LYS B 110 2.38 19.39 9.34
CA LYS B 110 1.66 20.36 10.16
C LYS B 110 0.19 19.99 10.31
N ARG B 111 -0.38 19.30 9.32
CA ARG B 111 -1.78 18.91 9.44
C ARG B 111 -1.89 17.69 10.35
N GLY B 112 -1.36 17.78 11.57
CA GLY B 112 -1.54 16.74 12.56
C GLY B 112 -0.66 15.52 12.34
N LYS B 113 -0.50 15.12 11.08
CA LYS B 113 0.08 13.83 10.75
C LYS B 113 1.45 13.64 11.40
N SER B 114 1.80 12.37 11.64
CA SER B 114 3.03 12.03 12.31
C SER B 114 4.22 12.65 11.61
N HIS B 115 5.22 13.03 12.41
CA HIS B 115 6.42 13.68 11.89
C HIS B 115 7.31 12.75 11.08
N LEU B 116 6.96 11.48 10.98
CA LEU B 116 7.73 10.51 10.23
C LEU B 116 6.93 10.05 9.01
N ALA B 117 7.60 9.89 7.88
CA ALA B 117 6.95 9.49 6.65
C ALA B 117 7.76 8.41 5.95
N ILE B 118 7.14 7.26 5.72
CA ILE B 118 7.72 6.21 4.91
C ILE B 118 7.59 6.57 3.45
N VAL B 119 8.72 6.51 2.75
CA VAL B 119 8.80 6.94 1.36
C VAL B 119 8.72 5.74 0.44
N GLN B 120 7.86 5.83 -0.58
CA GLN B 120 7.64 4.74 -1.52
C GLN B 120 7.71 5.27 -2.94
N LYS B 121 8.16 4.41 -3.86
CA LYS B 121 8.18 4.73 -5.28
C LYS B 121 7.76 3.49 -6.07
N VAL B 122 6.99 3.71 -7.14
CA VAL B 122 6.55 2.60 -7.97
C VAL B 122 7.73 2.09 -8.79
N ASN B 123 7.81 0.78 -8.97
CA ASN B 123 8.95 0.18 -9.66
C ASN B 123 8.44 -0.66 -10.83
N ASN B 124 8.41 -0.06 -12.03
CA ASN B 124 8.09 -0.85 -13.21
C ASN B 124 9.32 -1.54 -13.79
N GLU B 125 10.50 -1.29 -13.20
CA GLU B 125 11.77 -1.73 -13.77
C GLU B 125 11.94 -3.22 -13.60
N GLY B 126 11.13 -3.99 -14.32
CA GLY B 126 11.10 -5.42 -14.20
C GLY B 126 9.88 -5.95 -14.94
N GLU B 127 9.98 -7.18 -15.44
CA GLU B 127 8.90 -7.75 -16.23
C GLU B 127 7.71 -8.19 -15.38
N GLY B 128 7.86 -8.22 -14.06
CA GLY B 128 6.74 -8.53 -13.19
C GLY B 128 5.78 -7.36 -13.04
N ASP B 129 4.79 -7.57 -12.18
CA ASP B 129 3.80 -6.54 -11.92
C ASP B 129 4.43 -5.39 -11.13
N PRO B 130 4.05 -4.13 -11.43
CA PRO B 130 4.55 -3.00 -10.64
C PRO B 130 4.25 -3.16 -9.16
N PHE B 131 5.15 -2.62 -8.33
CA PHE B 131 5.04 -2.68 -6.88
C PHE B 131 5.65 -1.41 -6.29
N TYR B 132 5.40 -1.20 -5.01
CA TYR B 132 5.92 -0.03 -4.31
C TYR B 132 7.20 -0.43 -3.59
N GLU B 133 8.29 0.24 -3.94
CA GLU B 133 9.59 0.01 -3.32
C GLU B 133 9.76 1.01 -2.18
N VAL B 134 10.22 0.53 -1.04
CA VAL B 134 10.46 1.40 0.11
C VAL B 134 11.88 1.96 -0.02
N LEU B 135 11.97 3.28 -0.20
CA LEU B 135 13.29 3.90 -0.33
C LEU B 135 13.88 4.23 1.03
N GLY B 136 13.07 4.79 1.93
CA GLY B 136 13.58 5.18 3.24
C GLY B 136 12.58 6.03 3.98
N LEU B 137 13.10 6.88 4.85
CA LEU B 137 12.28 7.69 5.74
C LEU B 137 12.60 9.16 5.54
N VAL B 138 11.58 10.00 5.71
CA VAL B 138 11.74 11.45 5.73
C VAL B 138 11.00 12.00 6.94
N THR B 139 11.61 12.96 7.62
CA THR B 139 11.04 13.51 8.85
C THR B 139 10.93 15.03 8.76
N LEU B 140 10.14 15.59 9.68
CA LEU B 140 9.99 17.03 9.79
C LEU B 140 11.34 17.73 9.87
N GLU B 141 12.22 17.24 10.75
CA GLU B 141 13.52 17.88 10.92
C GLU B 141 14.29 17.95 9.62
N ASP B 142 14.18 16.93 8.76
CA ASP B 142 14.85 16.97 7.47
C ASP B 142 14.41 18.18 6.65
N VAL B 143 13.12 18.47 6.63
CA VAL B 143 12.62 19.59 5.83
C VAL B 143 12.97 20.92 6.49
N ILE B 144 12.72 21.01 7.80
CA ILE B 144 13.07 22.24 8.53
C ILE B 144 14.52 22.60 8.28
N GLU B 145 15.42 21.63 8.43
CA GLU B 145 16.82 21.90 8.15
C GLU B 145 17.06 22.12 6.67
N GLU B 146 16.16 21.63 5.81
CA GLU B 146 16.25 22.02 4.42
C GLU B 146 15.95 23.51 4.22
N ILE B 147 15.32 24.17 5.18
CA ILE B 147 15.11 25.61 5.00
C ILE B 147 16.11 26.41 5.81
N ILE B 148 16.51 25.92 6.98
CA ILE B 148 17.40 26.71 7.84
C ILE B 148 18.87 26.42 7.52
N ARG B 149 19.12 25.71 6.43
CA ARG B 149 20.50 25.46 5.99
C ARG B 149 20.60 25.48 4.47
NA NA C . 0.57 0.33 16.98
#